data_4EBY
#
_entry.id   4EBY
#
_cell.length_a   56.829
_cell.length_b   71.128
_cell.length_c   72.761
_cell.angle_alpha   90.00
_cell.angle_beta   90.00
_cell.angle_gamma   90.00
#
_symmetry.space_group_name_H-M   'P 21 21 21'
#
loop_
_entity.id
_entity.type
_entity.pdbx_description
1 polymer 'Chitin elicitor receptor kinase 1'
2 branched 2-acetamido-2-deoxy-beta-D-glucopyranose-(1-4)-2-acetamido-2-deoxy-beta-D-glucopyranose
3 branched beta-D-mannopyranose-(1-4)-2-acetamido-2-deoxy-beta-D-glucopyranose-(1-4)-2-acetamido-2-deoxy-beta-D-glucopyranose
4 non-polymer 2-acetamido-2-deoxy-beta-D-glucopyranose
5 water water
#
_entity_poly.entity_id   1
_entity_poly.type   'polypeptide(L)'
_entity_poly.pdbx_seq_one_letter_code
;CRTSCPLALASYYLENGTTLSVINQNLNSSIAPYDQINFDPILRYNSNIKDKDRIQMGSRVLVPFPCECQPGDFLGHNFS
YSVRQEDTYERVAISNYANLTTMESLQARNPFPATNIPLSATLNVLVNCSCGDESVSKDFGLFVTYPLRPEDSLSSIARS
SGVSADILQRYNPGVNFNSGNGIVYVPGRDPNGAFPPFKSSKQDGVHHHHHH
;
_entity_poly.pdbx_strand_id   A
#
loop_
_chem_comp.id
_chem_comp.type
_chem_comp.name
_chem_comp.formula
BMA D-saccharide, beta linking beta-D-mannopyranose 'C6 H12 O6'
NAG D-saccharide, beta linking 2-acetamido-2-deoxy-beta-D-glucopyranose 'C8 H15 N O6'
#
# COMPACT_ATOMS: atom_id res chain seq x y z
N CYS A 1 -18.89 6.19 4.58
CA CYS A 1 -17.73 7.01 4.27
C CYS A 1 -18.12 8.23 3.44
N ARG A 2 -17.42 9.34 3.66
CA ARG A 2 -17.75 10.58 2.97
C ARG A 2 -17.21 10.61 1.55
N THR A 3 -16.20 9.77 1.30
CA THR A 3 -15.60 9.72 -0.02
C THR A 3 -15.57 8.28 -0.52
N SER A 4 -15.41 8.11 -1.83
CA SER A 4 -15.33 6.78 -2.40
C SER A 4 -14.49 6.84 -3.65
N CYS A 5 -13.93 5.70 -4.03
CA CYS A 5 -13.12 5.63 -5.25
C CYS A 5 -12.89 4.18 -5.66
N PRO A 6 -12.57 3.94 -6.93
CA PRO A 6 -12.52 2.54 -7.36
C PRO A 6 -11.21 1.79 -7.05
N LEU A 7 -10.15 2.52 -6.77
CA LEU A 7 -8.90 1.88 -6.42
C LEU A 7 -7.93 2.80 -5.73
N ALA A 8 -6.91 2.17 -5.16
CA ALA A 8 -5.81 2.86 -4.52
C ALA A 8 -4.54 2.13 -4.93
N LEU A 9 -3.39 2.67 -4.56
CA LEU A 9 -2.10 2.03 -4.86
C LEU A 9 -1.35 1.81 -3.55
N ALA A 10 -0.70 0.65 -3.42
CA ALA A 10 0.12 0.39 -2.25
C ALA A 10 1.59 0.47 -2.64
N SER A 11 2.39 1.14 -1.83
CA SER A 11 3.82 1.24 -2.10
C SER A 11 4.58 0.20 -1.32
N TYR A 12 5.16 -0.77 -2.03
CA TYR A 12 5.81 -1.91 -1.40
C TYR A 12 7.32 -1.82 -1.58
N TYR A 13 8.05 -1.51 -0.51
CA TYR A 13 9.50 -1.37 -0.57
C TYR A 13 10.19 -2.74 -0.62
N LEU A 14 11.22 -2.85 -1.45
CA LEU A 14 11.88 -4.13 -1.68
C LEU A 14 13.15 -4.32 -0.86
N GLU A 15 13.14 -5.31 0.03
CA GLU A 15 14.36 -5.73 0.67
C GLU A 15 14.33 -7.23 1.02
N ASN A 16 15.51 -7.78 1.25
CA ASN A 16 15.69 -9.17 1.65
C ASN A 16 15.14 -10.15 0.62
N GLY A 17 15.06 -9.71 -0.64
CA GLY A 17 14.89 -10.66 -1.73
C GLY A 17 13.53 -10.80 -2.38
N THR A 18 12.55 -10.04 -1.89
CA THR A 18 11.17 -10.11 -2.35
C THR A 18 11.05 -10.12 -3.87
N THR A 19 10.27 -11.08 -4.39
CA THR A 19 9.99 -11.13 -5.84
C THR A 19 8.60 -10.54 -6.18
N LEU A 20 8.36 -10.28 -7.47
CA LEU A 20 7.08 -9.72 -7.85
C LEU A 20 5.95 -10.72 -7.58
N SER A 21 6.24 -12.01 -7.75
CA SER A 21 5.26 -13.05 -7.47
C SER A 21 4.78 -13.00 -6.02
N VAL A 22 5.71 -12.86 -5.08
CA VAL A 22 5.33 -12.80 -3.67
C VAL A 22 4.48 -11.57 -3.36
N ILE A 23 4.84 -10.43 -3.97
CA ILE A 23 4.04 -9.23 -3.79
C ILE A 23 2.63 -9.47 -4.32
N ASN A 24 2.52 -10.02 -5.52
CA ASN A 24 1.19 -10.23 -6.09
C ASN A 24 0.38 -11.25 -5.29
N GLN A 25 1.05 -12.25 -4.73
CA GLN A 25 0.33 -13.24 -3.92
C GLN A 25 -0.22 -12.57 -2.66
N ASN A 26 0.66 -11.88 -1.95
CA ASN A 26 0.25 -11.25 -0.69
C ASN A 26 -0.81 -10.18 -0.89
N LEU A 27 -0.64 -9.38 -1.93
CA LEU A 27 -1.58 -8.32 -2.23
C LEU A 27 -2.57 -8.74 -3.32
N ASN A 28 -2.87 -10.04 -3.43
CA ASN A 28 -3.86 -10.49 -4.39
C ASN A 28 -5.22 -9.84 -4.12
N SER A 29 -5.89 -9.43 -5.20
CA SER A 29 -7.26 -8.93 -5.12
C SER A 29 -7.92 -9.05 -6.49
N SER A 30 -9.18 -8.66 -6.58
CA SER A 30 -9.87 -8.67 -7.87
C SER A 30 -9.17 -7.74 -8.86
N ILE A 31 -8.56 -6.69 -8.33
CA ILE A 31 -7.89 -5.67 -9.15
C ILE A 31 -6.49 -6.12 -9.66
N ALA A 32 -5.85 -7.01 -8.91
CA ALA A 32 -4.54 -7.54 -9.30
C ALA A 32 -4.56 -9.03 -9.02
N PRO A 33 -5.29 -9.77 -9.86
CA PRO A 33 -5.46 -11.19 -9.56
C PRO A 33 -4.20 -11.99 -9.82
N TYR A 34 -3.76 -12.72 -8.81
CA TYR A 34 -2.53 -13.48 -8.89
C TYR A 34 -2.73 -14.76 -9.69
N ASP A 35 -2.04 -14.89 -10.82
CA ASP A 35 -2.10 -16.16 -11.56
C ASP A 35 -0.72 -16.70 -11.89
N GLN A 36 0.33 -16.04 -11.42
CA GLN A 36 1.72 -16.40 -11.67
C GLN A 36 2.19 -16.25 -13.11
N ILE A 37 1.29 -15.80 -13.98
CA ILE A 37 1.61 -15.69 -15.40
C ILE A 37 1.56 -14.23 -15.88
N ASN A 38 0.44 -13.59 -15.59
CA ASN A 38 0.18 -12.24 -16.07
C ASN A 38 0.27 -11.27 -14.91
N PHE A 39 1.25 -10.37 -14.94
CA PHE A 39 1.44 -9.37 -13.90
C PHE A 39 1.12 -7.97 -14.41
N ASP A 40 0.44 -7.90 -15.56
CA ASP A 40 0.15 -6.59 -16.15
C ASP A 40 -0.55 -5.58 -15.23
N PRO A 41 -1.50 -6.02 -14.40
CA PRO A 41 -2.18 -5.03 -13.55
C PRO A 41 -1.20 -4.25 -12.67
N ILE A 42 -0.17 -4.92 -12.18
CA ILE A 42 0.89 -4.28 -11.42
C ILE A 42 1.88 -3.53 -12.31
N LEU A 43 2.34 -4.18 -13.37
CA LEU A 43 3.38 -3.59 -14.21
C LEU A 43 2.94 -2.27 -14.84
N ARG A 44 1.64 -2.12 -15.12
CA ARG A 44 1.16 -0.86 -15.72
C ARG A 44 1.46 0.35 -14.87
N TYR A 45 1.55 0.15 -13.56
CA TYR A 45 1.83 1.25 -12.64
C TYR A 45 3.32 1.38 -12.31
N ASN A 46 4.15 0.56 -12.96
CA ASN A 46 5.59 0.54 -12.67
C ASN A 46 6.38 0.44 -13.97
N SER A 47 6.30 1.47 -14.81
CA SER A 47 6.98 1.44 -16.10
C SER A 47 8.49 1.35 -15.94
N ASN A 48 8.96 1.68 -14.74
CA ASN A 48 10.39 1.63 -14.41
C ASN A 48 10.94 0.21 -14.33
N ILE A 49 10.07 -0.77 -14.16
CA ILE A 49 10.51 -2.16 -14.04
C ILE A 49 10.81 -2.74 -15.41
N LYS A 50 12.10 -2.98 -15.67
CA LYS A 50 12.56 -3.49 -16.96
C LYS A 50 12.38 -4.99 -17.11
N ASP A 51 12.52 -5.72 -16.00
CA ASP A 51 12.42 -7.18 -16.05
C ASP A 51 11.66 -7.63 -14.80
N LYS A 52 10.42 -8.11 -15.00
CA LYS A 52 9.56 -8.47 -13.89
C LYS A 52 10.14 -9.64 -13.12
N ASP A 53 10.96 -10.43 -13.80
CA ASP A 53 11.56 -11.62 -13.17
C ASP A 53 12.85 -11.35 -12.39
N ARG A 54 13.31 -10.11 -12.42
CA ARG A 54 14.51 -9.69 -11.69
C ARG A 54 14.35 -8.26 -11.20
N ILE A 55 13.58 -8.08 -10.12
CA ILE A 55 13.32 -6.73 -9.63
C ILE A 55 14.41 -6.26 -8.66
N GLN A 56 14.51 -4.94 -8.51
CA GLN A 56 15.67 -4.31 -7.89
C GLN A 56 15.45 -3.96 -6.42
N MET A 57 16.24 -4.56 -5.54
CA MET A 57 16.13 -4.21 -4.11
C MET A 57 16.36 -2.72 -3.93
N GLY A 58 15.65 -2.13 -2.97
CA GLY A 58 15.84 -0.71 -2.66
C GLY A 58 14.87 0.19 -3.40
N SER A 59 14.08 -0.41 -4.28
CA SER A 59 13.03 0.33 -4.98
C SER A 59 11.67 0.01 -4.37
N ARG A 60 10.65 0.74 -4.80
CA ARG A 60 9.28 0.49 -4.38
C ARG A 60 8.41 0.05 -5.55
N VAL A 61 7.58 -0.95 -5.32
CA VAL A 61 6.63 -1.41 -6.33
C VAL A 61 5.24 -0.91 -5.97
N LEU A 62 4.56 -0.29 -6.92
CA LEU A 62 3.19 0.18 -6.72
C LEU A 62 2.20 -0.91 -7.10
N VAL A 63 1.26 -1.20 -6.20
CA VAL A 63 0.29 -2.26 -6.48
C VAL A 63 -1.13 -1.73 -6.38
N PRO A 64 -1.92 -1.84 -7.46
CA PRO A 64 -3.31 -1.36 -7.34
C PRO A 64 -4.16 -2.31 -6.49
N PHE A 65 -5.08 -1.75 -5.70
CA PHE A 65 -6.00 -2.57 -4.91
C PHE A 65 -7.33 -1.84 -4.67
N PRO A 66 -8.39 -2.57 -4.31
CA PRO A 66 -9.69 -1.89 -4.13
C PRO A 66 -9.68 -1.06 -2.84
N CYS A 67 -10.38 0.06 -2.85
CA CYS A 67 -10.38 0.93 -1.67
C CYS A 67 -11.84 1.05 -1.22
N GLU A 68 -12.18 0.41 -0.10
CA GLU A 68 -13.57 0.19 0.28
C GLU A 68 -13.88 0.81 1.63
N CYS A 69 -15.14 1.19 1.86
CA CYS A 69 -15.54 1.69 3.16
C CYS A 69 -15.56 0.54 4.17
N GLN A 70 -14.95 0.76 5.32
CA GLN A 70 -14.84 -0.27 6.35
C GLN A 70 -15.70 0.09 7.55
N PRO A 71 -16.11 -0.93 8.33
CA PRO A 71 -16.83 -0.58 9.56
C PRO A 71 -15.99 0.35 10.42
N GLY A 72 -16.60 1.39 10.98
CA GLY A 72 -15.87 2.39 11.71
C GLY A 72 -15.68 3.61 10.83
N ASP A 73 -16.20 3.52 9.61
CA ASP A 73 -16.23 4.62 8.65
C ASP A 73 -14.87 5.16 8.27
N PHE A 74 -14.00 4.27 7.79
CA PHE A 74 -12.72 4.67 7.23
C PHE A 74 -12.50 3.79 6.00
N LEU A 75 -11.53 4.18 5.17
CA LEU A 75 -11.26 3.48 3.92
C LEU A 75 -10.10 2.50 4.03
N GLY A 76 -10.30 1.33 3.46
CA GLY A 76 -9.24 0.34 3.44
C GLY A 76 -9.60 -0.90 2.65
N HIS A 77 -8.73 -1.89 2.71
CA HIS A 77 -9.01 -3.16 2.05
C HIS A 77 -8.52 -4.32 2.90
N ASN A 78 -9.33 -5.39 2.96
CA ASN A 78 -8.93 -6.64 3.61
C ASN A 78 -8.24 -7.58 2.60
N PHE A 79 -6.93 -7.64 2.66
CA PHE A 79 -6.20 -8.70 1.94
C PHE A 79 -6.28 -9.99 2.73
N SER A 80 -5.86 -11.10 2.09
CA SER A 80 -5.83 -12.38 2.77
C SER A 80 -4.43 -12.98 2.63
N TYR A 81 -3.97 -13.62 3.69
CA TYR A 81 -2.61 -14.14 3.74
C TYR A 81 -2.57 -15.54 4.30
N SER A 82 -1.97 -16.47 3.55
CA SER A 82 -1.83 -17.84 4.04
C SER A 82 -0.52 -17.99 4.83
N VAL A 83 -0.65 -18.41 6.08
CA VAL A 83 0.46 -18.46 7.02
C VAL A 83 1.48 -19.54 6.68
N ARG A 84 2.76 -19.15 6.76
CA ARG A 84 3.88 -20.06 6.53
C ARG A 84 4.72 -20.29 7.80
N GLN A 85 5.67 -21.21 7.71
CA GLN A 85 6.46 -21.60 8.86
C GLN A 85 7.11 -20.40 9.56
N GLU A 86 6.93 -20.34 10.87
CA GLU A 86 7.56 -19.35 11.73
C GLU A 86 7.04 -17.93 11.58
N ASP A 87 5.91 -17.77 10.88
CA ASP A 87 5.30 -16.45 10.78
C ASP A 87 4.87 -15.94 12.16
N THR A 88 4.98 -14.63 12.34
CA THR A 88 4.49 -13.95 13.51
C THR A 88 3.74 -12.74 13.00
N TYR A 89 2.87 -12.18 13.83
CA TYR A 89 2.18 -10.96 13.43
C TYR A 89 3.16 -9.84 13.11
N GLU A 90 4.22 -9.74 13.91
CA GLU A 90 5.25 -8.73 13.67
C GLU A 90 5.87 -8.94 12.29
N ARG A 91 6.28 -10.17 12.00
CA ARG A 91 6.95 -10.41 10.72
C ARG A 91 6.03 -10.19 9.51
N VAL A 92 4.78 -10.61 9.64
CA VAL A 92 3.83 -10.43 8.56
C VAL A 92 3.64 -8.95 8.25
N ALA A 93 3.56 -8.11 9.30
CA ALA A 93 3.35 -6.67 9.10
C ALA A 93 4.61 -6.00 8.54
N ILE A 94 5.76 -6.28 9.13
CA ILE A 94 6.94 -5.48 8.78
C ILE A 94 7.65 -5.98 7.53
N SER A 95 7.51 -7.27 7.27
CA SER A 95 8.21 -7.89 6.15
C SER A 95 7.25 -8.30 5.03
N ASN A 96 6.36 -9.24 5.30
CA ASN A 96 5.50 -9.77 4.24
C ASN A 96 4.62 -8.69 3.58
N TYR A 97 4.16 -7.73 4.40
CA TYR A 97 3.38 -6.59 3.89
C TYR A 97 4.12 -5.24 3.92
N ALA A 98 5.41 -5.26 4.21
CA ALA A 98 6.27 -4.10 4.03
C ALA A 98 5.72 -2.82 4.68
N ASN A 99 5.24 -2.99 5.91
CA ASN A 99 4.67 -1.89 6.70
C ASN A 99 3.42 -1.23 6.15
N LEU A 100 2.73 -1.93 5.23
CA LEU A 100 1.43 -1.46 4.75
C LEU A 100 0.36 -1.77 5.76
N THR A 101 0.65 -2.69 6.68
CA THR A 101 -0.22 -2.97 7.82
C THR A 101 0.63 -2.93 9.11
N THR A 102 -0.02 -3.10 10.27
CA THR A 102 0.72 -3.11 11.54
C THR A 102 0.46 -4.40 12.30
N MET A 103 1.38 -4.74 13.19
CA MET A 103 1.21 -5.95 13.97
C MET A 103 0.01 -5.81 14.89
N GLU A 104 -0.22 -4.62 15.41
CA GLU A 104 -1.36 -4.42 16.30
C GLU A 104 -2.68 -4.64 15.55
N SER A 105 -2.74 -4.16 14.31
CA SER A 105 -3.95 -4.33 13.51
C SER A 105 -4.19 -5.81 13.24
N LEU A 106 -3.14 -6.51 12.85
CA LEU A 106 -3.25 -7.95 12.59
C LEU A 106 -3.73 -8.71 13.81
N GLN A 107 -3.14 -8.41 14.97
CA GLN A 107 -3.49 -9.16 16.18
C GLN A 107 -4.94 -8.89 16.59
N ALA A 108 -5.41 -7.66 16.41
CA ALA A 108 -6.77 -7.32 16.81
C ALA A 108 -7.86 -8.01 15.99
N ARG A 109 -7.57 -8.26 14.70
CA ARG A 109 -8.59 -8.69 13.76
C ARG A 109 -8.48 -10.16 13.38
N ASN A 110 -7.53 -10.87 13.99
CA ASN A 110 -7.37 -12.32 13.77
C ASN A 110 -7.42 -13.03 15.11
N PRO A 111 -7.93 -14.27 15.15
CA PRO A 111 -8.20 -14.93 16.43
C PRO A 111 -7.03 -15.75 16.98
N PHE A 112 -5.96 -15.89 16.19
CA PHE A 112 -4.84 -16.73 16.63
C PHE A 112 -4.01 -15.98 17.65
N PRO A 113 -3.77 -16.60 18.81
CA PRO A 113 -2.84 -15.99 19.76
C PRO A 113 -1.52 -15.74 19.06
N ALA A 114 -0.82 -14.69 19.46
CA ALA A 114 0.44 -14.34 18.81
C ALA A 114 1.44 -15.49 18.85
N THR A 115 1.31 -16.38 19.83
CA THR A 115 2.24 -17.49 20.00
C THR A 115 1.77 -18.81 19.34
N ASN A 116 0.60 -18.79 18.72
CA ASN A 116 0.08 -19.99 18.07
C ASN A 116 -0.63 -19.62 16.79
N ILE A 117 0.13 -19.32 15.74
CA ILE A 117 -0.42 -19.10 14.41
C ILE A 117 -0.02 -20.26 13.51
N PRO A 118 -0.94 -21.20 13.29
CA PRO A 118 -0.56 -22.45 12.63
C PRO A 118 -0.35 -22.35 11.13
N LEU A 119 0.50 -23.22 10.60
CA LEU A 119 0.69 -23.34 9.17
C LEU A 119 -0.67 -23.45 8.47
N SER A 120 -0.85 -22.63 7.45
CA SER A 120 -2.04 -22.61 6.61
C SER A 120 -3.28 -21.97 7.22
N ALA A 121 -3.14 -21.36 8.40
CA ALA A 121 -4.15 -20.41 8.85
C ALA A 121 -4.22 -19.29 7.80
N THR A 122 -5.35 -18.61 7.72
CA THR A 122 -5.47 -17.46 6.85
C THR A 122 -5.67 -16.23 7.74
N LEU A 123 -4.92 -15.17 7.44
CA LEU A 123 -5.07 -13.91 8.15
C LEU A 123 -5.82 -12.92 7.30
N ASN A 124 -6.67 -12.14 7.99
CA ASN A 124 -7.28 -10.94 7.45
C ASN A 124 -6.30 -9.79 7.66
N VAL A 125 -5.85 -9.19 6.56
CA VAL A 125 -4.79 -8.16 6.61
C VAL A 125 -5.32 -6.83 6.12
N LEU A 126 -5.47 -5.85 7.02
CA LEU A 126 -6.02 -4.56 6.66
C LEU A 126 -4.95 -3.58 6.19
N VAL A 127 -5.16 -3.01 5.01
CA VAL A 127 -4.29 -1.94 4.54
C VAL A 127 -5.22 -0.76 4.24
N ASN A 128 -4.91 0.41 4.81
CA ASN A 128 -5.79 1.55 4.63
C ASN A 128 -5.51 2.29 3.34
N CYS A 129 -6.44 3.16 2.94
CA CYS A 129 -6.25 3.91 1.70
C CYS A 129 -6.99 5.22 1.81
N SER A 130 -6.83 6.06 0.79
CA SER A 130 -7.53 7.34 0.71
C SER A 130 -8.09 7.51 -0.69
N CYS A 131 -9.24 8.20 -0.77
CA CYS A 131 -9.82 8.63 -2.05
C CYS A 131 -9.65 10.13 -2.26
N GLY A 132 -8.94 10.79 -1.36
CA GLY A 132 -8.73 12.23 -1.47
C GLY A 132 -9.58 13.04 -0.50
N ASP A 133 -9.58 14.36 -0.73
CA ASP A 133 -10.25 15.29 0.17
C ASP A 133 -10.45 16.56 -0.66
N GLU A 134 -11.71 16.83 -0.99
CA GLU A 134 -12.03 17.95 -1.87
C GLU A 134 -11.63 19.28 -1.24
N SER A 135 -11.51 19.33 0.07
CA SER A 135 -11.14 20.58 0.74
C SER A 135 -9.64 20.84 0.62
N VAL A 136 -8.90 19.82 0.21
CA VAL A 136 -7.47 19.98 -0.08
C VAL A 136 -7.26 20.28 -1.54
N SER A 137 -7.83 19.45 -2.41
CA SER A 137 -7.72 19.67 -3.85
C SER A 137 -8.75 18.85 -4.61
N LYS A 138 -9.28 19.44 -5.67
CA LYS A 138 -10.12 18.68 -6.61
C LYS A 138 -9.29 17.91 -7.62
N ASP A 139 -7.96 18.11 -7.61
CA ASP A 139 -7.11 17.58 -8.67
C ASP A 139 -6.65 16.13 -8.48
N PHE A 140 -6.92 15.55 -7.32
CA PHE A 140 -6.39 14.21 -7.01
C PHE A 140 -7.42 13.28 -6.44
N GLY A 141 -7.56 12.11 -7.06
CA GLY A 141 -8.55 11.13 -6.63
C GLY A 141 -7.99 9.73 -6.56
N LEU A 142 -6.69 9.58 -6.79
CA LEU A 142 -6.02 8.28 -6.70
C LEU A 142 -4.82 8.46 -5.79
N PHE A 143 -4.72 7.61 -4.77
CA PHE A 143 -3.73 7.79 -3.71
C PHE A 143 -2.91 6.57 -3.42
N VAL A 144 -1.64 6.81 -3.16
CA VAL A 144 -0.70 5.76 -2.77
C VAL A 144 -0.65 5.72 -1.26
N THR A 145 -0.89 4.53 -0.71
CA THR A 145 -0.64 4.28 0.69
C THR A 145 0.87 4.01 0.82
N TYR A 146 1.57 4.95 1.43
CA TYR A 146 3.02 5.01 1.33
C TYR A 146 3.64 4.89 2.73
N PRO A 147 4.19 3.71 3.05
CA PRO A 147 4.87 3.60 4.36
C PRO A 147 6.20 4.35 4.34
N LEU A 148 6.37 5.24 5.32
CA LEU A 148 7.58 6.07 5.42
C LEU A 148 8.79 5.26 5.84
N ARG A 149 9.93 5.59 5.24
CA ARG A 149 11.22 5.01 5.62
C ARG A 149 12.17 6.11 6.05
N PRO A 150 13.24 5.74 6.76
CA PRO A 150 14.16 6.75 7.31
C PRO A 150 14.75 7.68 6.25
N GLU A 151 14.87 7.21 5.01
CA GLU A 151 15.45 8.03 3.96
C GLU A 151 14.46 9.02 3.34
N ASP A 152 13.17 8.87 3.65
CA ASP A 152 12.16 9.78 3.11
C ASP A 152 12.09 11.11 3.86
N SER A 153 11.69 12.16 3.15
CA SER A 153 11.36 13.44 3.76
C SER A 153 10.22 14.08 2.98
N LEU A 154 9.65 15.16 3.53
CA LEU A 154 8.59 15.85 2.80
C LEU A 154 9.12 16.34 1.46
N SER A 155 10.28 16.99 1.46
CA SER A 155 10.86 17.47 0.20
C SER A 155 11.16 16.35 -0.79
N SER A 156 11.70 15.22 -0.32
CA SER A 156 12.02 14.12 -1.23
C SER A 156 10.77 13.46 -1.82
N ILE A 157 9.71 13.34 -1.02
CA ILE A 157 8.47 12.76 -1.54
C ILE A 157 7.77 13.75 -2.47
N ALA A 158 7.85 15.03 -2.16
CA ALA A 158 7.28 16.06 -3.03
C ALA A 158 7.96 16.01 -4.40
N ARG A 159 9.27 15.87 -4.39
CA ARG A 159 10.07 15.85 -5.61
C ARG A 159 9.76 14.63 -6.46
N SER A 160 9.69 13.47 -5.81
CA SER A 160 9.46 12.20 -6.51
C SER A 160 8.00 12.00 -6.93
N SER A 161 7.06 12.56 -6.19
CA SER A 161 5.65 12.40 -6.51
C SER A 161 5.16 13.42 -7.54
N GLY A 162 5.83 14.57 -7.59
CA GLY A 162 5.41 15.64 -8.47
C GLY A 162 4.23 16.41 -7.89
N VAL A 163 4.03 16.27 -6.58
CA VAL A 163 2.98 16.98 -5.86
C VAL A 163 3.64 17.96 -4.90
N SER A 164 3.06 19.15 -4.75
CA SER A 164 3.67 20.16 -3.90
C SER A 164 3.70 19.72 -2.43
N ALA A 165 4.71 20.16 -1.70
CA ALA A 165 4.85 19.84 -0.29
C ALA A 165 3.66 20.29 0.56
N ASP A 166 3.10 21.46 0.25
CA ASP A 166 1.96 21.96 1.04
C ASP A 166 0.73 21.07 0.84
N ILE A 167 0.50 20.62 -0.40
CA ILE A 167 -0.62 19.72 -0.67
C ILE A 167 -0.40 18.39 0.08
N LEU A 168 0.80 17.82 -0.04
CA LEU A 168 1.11 16.59 0.67
C LEU A 168 0.88 16.71 2.17
N GLN A 169 1.30 17.83 2.75
CA GLN A 169 1.13 17.99 4.18
C GLN A 169 -0.34 18.12 4.55
N ARG A 170 -1.11 18.83 3.72
CA ARG A 170 -2.53 19.02 3.99
C ARG A 170 -3.30 17.70 3.93
N TYR A 171 -2.85 16.77 3.10
CA TYR A 171 -3.47 15.44 3.05
C TYR A 171 -3.07 14.59 4.26
N ASN A 172 -2.04 15.01 4.97
CA ASN A 172 -1.47 14.21 6.04
C ASN A 172 -1.17 15.14 7.21
N PRO A 173 -2.23 15.75 7.76
CA PRO A 173 -2.01 16.90 8.63
C PRO A 173 -1.33 16.51 9.94
N GLY A 174 -0.32 17.28 10.30
CA GLY A 174 0.39 17.08 11.55
C GLY A 174 1.45 15.97 11.48
N VAL A 175 1.56 15.30 10.35
CA VAL A 175 2.47 14.16 10.20
C VAL A 175 3.85 14.57 9.72
N ASN A 176 4.87 14.24 10.51
CA ASN A 176 6.26 14.52 10.14
C ASN A 176 6.73 13.50 9.09
N PHE A 177 6.91 13.96 7.85
CA PHE A 177 7.27 13.06 6.75
C PHE A 177 8.68 12.52 6.88
N ASN A 178 9.42 13.00 7.87
CA ASN A 178 10.78 12.50 8.11
C ASN A 178 10.86 11.54 9.32
N SER A 179 9.71 11.11 9.82
CA SER A 179 9.70 10.31 11.04
C SER A 179 10.13 8.87 10.81
N GLY A 180 10.10 8.41 9.56
CA GLY A 180 10.59 7.10 9.21
C GLY A 180 9.70 5.95 9.62
N ASN A 181 8.46 6.24 9.99
CA ASN A 181 7.51 5.19 10.32
C ASN A 181 6.06 5.57 10.06
N GLY A 182 5.18 4.58 10.03
CA GLY A 182 3.79 4.81 9.71
C GLY A 182 3.59 5.12 8.24
N ILE A 183 2.39 5.59 7.90
CA ILE A 183 1.95 5.73 6.53
C ILE A 183 1.57 7.18 6.23
N VAL A 184 1.79 7.59 4.99
CA VAL A 184 1.21 8.85 4.48
C VAL A 184 0.51 8.52 3.17
N TYR A 185 -0.43 9.38 2.78
CA TYR A 185 -1.16 9.20 1.52
C TYR A 185 -0.64 10.22 0.51
N VAL A 186 -0.21 9.72 -0.65
CA VAL A 186 0.43 10.56 -1.67
C VAL A 186 -0.35 10.39 -2.98
N PRO A 187 -0.77 11.49 -3.62
CA PRO A 187 -1.48 11.31 -4.90
C PRO A 187 -0.68 10.49 -5.88
N GLY A 188 -1.35 9.57 -6.56
CA GLY A 188 -0.69 8.74 -7.56
C GLY A 188 -1.23 8.96 -8.96
N ARG A 189 -0.48 8.43 -9.92
CA ARG A 189 -0.77 8.60 -11.34
C ARG A 189 -1.38 7.35 -11.94
N ASP A 190 -2.13 7.51 -13.02
CA ASP A 190 -2.65 6.36 -13.76
C ASP A 190 -1.51 5.79 -14.63
N PRO A 191 -1.75 4.66 -15.31
CA PRO A 191 -0.67 4.00 -16.06
C PRO A 191 0.01 4.88 -17.12
N ASN A 192 -0.68 5.95 -17.53
CA ASN A 192 -0.13 6.89 -18.52
C ASN A 192 0.53 8.11 -17.92
N GLY A 193 0.56 8.19 -16.60
CA GLY A 193 1.22 9.29 -15.92
C GLY A 193 0.37 10.50 -15.57
N ALA A 194 -0.94 10.43 -15.84
CA ALA A 194 -1.83 11.53 -15.46
C ALA A 194 -2.38 11.30 -14.05
N PHE A 195 -2.64 12.37 -13.31
CA PHE A 195 -3.31 12.25 -12.03
C PHE A 195 -4.82 12.19 -12.25
N PRO A 196 -5.47 11.07 -11.85
CA PRO A 196 -6.92 11.07 -11.86
C PRO A 196 -7.43 12.13 -10.88
N PRO A 197 -8.45 12.90 -11.26
CA PRO A 197 -8.96 13.97 -10.39
C PRO A 197 -9.88 13.40 -9.30
N PHE A 198 -10.23 14.24 -8.33
CA PHE A 198 -11.15 13.84 -7.27
C PHE A 198 -12.53 13.59 -7.86
N LYS A 199 -13.23 12.59 -7.36
CA LYS A 199 -14.63 12.37 -7.75
C LYS A 199 -15.53 12.22 -6.54
N SER A 200 -16.54 13.07 -6.45
CA SER A 200 -17.49 13.03 -5.33
C SER A 200 -18.21 11.69 -5.24
C1 NAG B . -7.50 -13.02 -5.25
C2 NAG B . -7.90 -14.50 -5.26
C3 NAG B . -9.26 -14.64 -5.95
C4 NAG B . -10.29 -13.74 -5.27
C5 NAG B . -9.78 -12.31 -5.22
C6 NAG B . -10.78 -11.42 -4.48
C7 NAG B . -6.00 -16.03 -5.26
C8 NAG B . -4.89 -16.73 -6.00
N2 NAG B . -6.90 -15.32 -5.94
O3 NAG B . -9.65 -16.00 -5.94
O4 NAG B . -11.51 -13.71 -5.98
O5 NAG B . -8.50 -12.25 -4.60
O6 NAG B . -10.88 -11.81 -3.12
O7 NAG B . -6.02 -16.15 -4.04
C1 NAG B . -12.45 -14.81 -5.89
C2 NAG B . -13.85 -14.21 -5.88
C3 NAG B . -14.91 -15.30 -6.00
C4 NAG B . -14.55 -16.26 -7.12
C5 NAG B . -13.12 -16.76 -6.94
C6 NAG B . -12.71 -17.74 -8.03
C7 NAG B . -14.30 -12.18 -4.61
C8 NAG B . -14.57 -11.59 -3.26
N2 NAG B . -14.06 -13.49 -4.64
O3 NAG B . -16.16 -14.70 -6.25
O4 NAG B . -15.44 -17.35 -7.07
O5 NAG B . -12.22 -15.66 -6.99
O6 NAG B . -12.43 -17.03 -9.21
O7 NAG B . -14.30 -11.49 -5.62
C1 NAG C . 9.15 -1.90 8.18
C2 NAG C . 10.35 -2.03 7.23
C3 NAG C . 11.56 -2.59 7.96
C4 NAG C . 11.83 -1.89 9.29
C5 NAG C . 10.53 -1.71 10.07
C6 NAG C . 10.74 -0.88 11.34
C7 NAG C . 10.18 -2.61 4.84
C8 NAG C . 9.91 -3.69 3.81
N2 NAG C . 10.00 -2.92 6.13
O3 NAG C . 12.72 -2.53 7.15
O4 NAG C . 12.72 -2.68 10.05
O5 NAG C . 9.55 -1.07 9.26
O6 NAG C . 11.19 0.40 10.98
O7 NAG C . 10.54 -1.50 4.48
C1 NAG C . 13.81 -2.01 10.78
C2 NAG C . 14.26 -2.88 11.94
C3 NAG C . 15.56 -2.35 12.53
C4 NAG C . 16.60 -2.24 11.42
C5 NAG C . 16.07 -1.42 10.25
C6 NAG C . 17.06 -1.49 9.10
C7 NAG C . 12.53 -4.02 13.21
C8 NAG C . 11.47 -3.93 14.25
N2 NAG C . 13.24 -2.91 12.97
O3 NAG C . 16.03 -3.22 13.54
O4 NAG C . 17.77 -1.63 11.93
O5 NAG C . 14.81 -1.90 9.78
O6 NAG C . 16.59 -0.68 8.04
O7 NAG C . 12.73 -5.07 12.60
C1 NAG D . -6.58 2.12 9.44
C2 NAG D . -5.54 1.76 10.51
C3 NAG D . -6.19 1.54 11.86
C4 NAG D . -7.18 2.62 12.22
C5 NAG D . -8.10 2.94 11.03
C6 NAG D . -9.04 4.10 11.32
C7 NAG D . -3.69 0.41 9.67
C8 NAG D . -3.21 -1.02 9.42
N2 NAG D . -4.91 0.50 10.16
O3 NAG D . -5.20 1.46 12.88
O4 NAG D . -7.96 2.15 13.30
O5 NAG D . -7.31 3.24 9.88
O6 NAG D . -8.32 5.27 11.64
O7 NAG D . -3.00 1.39 9.40
C1 NAG D . -7.67 2.65 14.65
C2 NAG D . -8.89 2.30 15.52
C3 NAG D . -8.65 2.68 16.98
C4 NAG D . -7.24 2.35 17.46
C5 NAG D . -6.19 2.70 16.42
C6 NAG D . -4.80 2.25 16.86
C7 NAG D . -11.01 2.29 14.37
C8 NAG D . -12.16 3.11 13.84
N2 NAG D . -10.06 2.97 15.00
O3 NAG D . -9.58 2.00 17.81
O4 NAG D . -6.98 3.10 18.64
O5 NAG D . -6.52 2.07 15.20
O6 NAG D . -4.81 0.85 17.03
O7 NAG D . -10.98 1.07 14.21
C1 NAG E . -12.82 -6.53 6.63
C2 NAG E . -14.32 -6.37 6.34
C3 NAG E . -15.04 -6.07 7.65
C4 NAG E . -14.73 -7.18 8.64
C5 NAG E . -13.24 -7.42 8.78
C6 NAG E . -12.99 -8.63 9.69
C7 NAG E . -15.39 -5.46 4.33
C8 NAG E . -15.47 -4.30 3.36
N2 NAG E . -14.60 -5.31 5.39
O3 NAG E . -16.43 -5.96 7.43
O4 NAG E . -15.21 -6.83 9.92
O5 NAG E . -12.66 -7.61 7.51
O6 NAG E . -13.47 -9.82 9.11
O7 NAG E . -16.04 -6.50 4.11
C1 NAG E . -16.47 -6.72 10.62
C2 NAG E . -16.57 -5.87 11.87
C3 NAG E . -17.80 -6.35 12.62
C4 NAG E . -19.04 -6.35 11.73
C5 NAG E . -18.82 -6.76 10.28
C6 NAG E . -19.87 -6.07 9.42
C7 NAG E . -14.40 -5.07 12.70
C8 NAG E . -13.10 -5.43 13.37
N2 NAG E . -15.36 -5.99 12.67
O3 NAG E . -18.00 -5.54 13.76
O4 NAG E . -20.00 -7.25 12.24
O5 NAG E . -17.55 -6.43 9.77
O6 NAG E . -19.62 -6.39 8.06
O7 NAG E . -14.54 -3.95 12.21
C1 BMA E . -21.08 -6.41 12.74
C2 BMA E . -22.45 -7.05 12.55
C3 BMA E . -23.52 -6.19 13.19
C4 BMA E . -23.14 -5.83 14.62
C5 BMA E . -21.73 -5.24 14.64
C6 BMA E . -21.32 -4.83 16.06
O2 BMA E . -22.45 -8.35 13.11
O3 BMA E . -24.76 -6.87 13.16
O4 BMA E . -24.04 -4.90 15.16
O5 BMA E . -20.84 -6.19 14.11
O6 BMA E . -20.05 -5.33 16.36
C1 NAG F . 15.95 -8.52 6.52
C2 NAG F . 14.84 -8.13 7.50
C3 NAG F . 15.40 -7.67 8.84
C4 NAG F . 16.41 -8.67 9.36
C5 NAG F . 17.40 -9.11 8.28
C6 NAG F . 18.30 -10.23 8.79
C7 NAG F . 12.67 -7.29 6.88
C8 NAG F . 11.87 -6.42 5.95
N2 NAG F . 13.99 -7.09 6.95
O3 NAG F . 14.34 -7.51 9.77
O4 NAG F . 17.13 -8.09 10.43
O5 NAG F . 16.72 -9.54 7.12
O6 NAG F . 17.51 -11.31 9.20
O7 NAG F . 12.10 -8.15 7.56
#